data_8QK4
#
_entry.id   8QK4
#
_cell.length_a   52.905
_cell.length_b   84.790
_cell.length_c   131.938
_cell.angle_alpha   90.000
_cell.angle_beta   90.000
_cell.angle_gamma   90.000
#
_symmetry.space_group_name_H-M   'P 21 21 21'
#
loop_
_entity.id
_entity.type
_entity.pdbx_description
1 polymer 'Polyketide synthase PksJ'
2 non-polymer GLYCEROL
3 non-polymer 'SODIUM ION'
4 non-polymer 'CHLORIDE ION'
5 water water
#
_entity_poly.entity_id   1
_entity_poly.type   'polypeptide(L)'
_entity_poly.pdbx_seq_one_letter_code
;MGSSHHHHHHSSGLVPRGSHMASMTGGQQMGRGSVAQISGNQTGIGSIHPLLHQNTSDFSEQKFSSVFTGDEFFLRDHVV
RGKPVLPGVAYLEMAYAAINQAAGSEIGQDVRIRLNHTVWVQPVVVDRHSAQVDISLFPEEDGKITFDIYSTQEDGDDPV
IHSQGSAELASAAETPVADLTEMSRRCGKGKMSPDQFYEEGRSRGMFHGPAFQGIKNVNIGNREVLAQLQLPEIVSGTNE
QFVLHPSIMDSALQTATICIMQELTDQKLILPFALEELEVIKGCSSSMWAYARLSDSDHSGGVVQKADIDVIDESGTVCV
RIKGFSTRVLEGEVHTSKPST
;
_entity_poly.pdbx_strand_id   A,B
#
loop_
_chem_comp.id
_chem_comp.type
_chem_comp.name
_chem_comp.formula
CL non-polymer 'CHLORIDE ION' 'Cl -1'
GOL non-polymer GLYCEROL 'C3 H8 O3'
NA non-polymer 'SODIUM ION' 'Na 1'
#
# COMPACT_ATOMS: atom_id res chain seq x y z
N ILE A 38 -12.32 -8.07 -38.84
CA ILE A 38 -11.98 -9.50 -39.10
C ILE A 38 -10.62 -9.55 -39.79
N SER A 39 -9.69 -10.32 -39.21
CA SER A 39 -8.34 -10.50 -39.73
C SER A 39 -8.30 -11.57 -40.81
N GLY A 40 -8.88 -12.74 -40.50
CA GLY A 40 -8.69 -13.97 -41.25
C GLY A 40 -7.20 -14.13 -41.61
N ASN A 41 -6.91 -14.37 -42.90
CA ASN A 41 -5.56 -14.71 -43.32
C ASN A 41 -4.76 -13.46 -43.67
N GLN A 42 -5.36 -12.28 -43.57
CA GLN A 42 -4.71 -11.03 -43.93
C GLN A 42 -3.61 -10.66 -42.93
N THR A 43 -3.91 -10.85 -41.63
CA THR A 43 -2.95 -10.75 -40.54
C THR A 43 -3.33 -11.76 -39.47
N GLY A 44 -2.55 -11.85 -38.40
CA GLY A 44 -2.86 -12.82 -37.36
C GLY A 44 -4.15 -12.44 -36.63
N ILE A 45 -5.03 -13.42 -36.45
CA ILE A 45 -6.26 -13.30 -35.68
C ILE A 45 -5.90 -13.07 -34.22
N GLY A 46 -6.63 -12.13 -33.57
CA GLY A 46 -6.36 -11.73 -32.21
C GLY A 46 -7.54 -12.03 -31.28
N SER A 47 -7.37 -11.64 -30.02
CA SER A 47 -8.46 -11.67 -29.06
C SER A 47 -9.51 -10.67 -29.47
N ILE A 48 -10.75 -10.95 -29.12
CA ILE A 48 -11.77 -9.92 -29.22
C ILE A 48 -11.48 -8.81 -28.22
N HIS A 49 -11.09 -9.20 -27.01
CA HIS A 49 -10.87 -8.27 -25.91
C HIS A 49 -9.92 -9.00 -24.97
N PRO A 50 -9.09 -8.31 -24.17
CA PRO A 50 -8.19 -9.00 -23.25
C PRO A 50 -8.83 -9.95 -22.25
N LEU A 51 -10.15 -9.83 -22.01
CA LEU A 51 -10.88 -10.73 -21.11
C LEU A 51 -11.94 -11.54 -21.86
N LEU A 52 -11.92 -11.49 -23.19
CA LEU A 52 -12.86 -12.26 -24.01
C LEU A 52 -12.16 -12.65 -25.31
N HIS A 53 -11.41 -13.76 -25.26
CA HIS A 53 -10.46 -14.06 -26.32
C HIS A 53 -11.15 -14.53 -27.61
N GLN A 54 -12.05 -15.50 -27.47
CA GLN A 54 -12.64 -16.11 -28.66
C GLN A 54 -14.13 -16.34 -28.50
N ASN A 55 -14.86 -16.27 -29.62
CA ASN A 55 -16.27 -16.60 -29.71
C ASN A 55 -16.36 -18.08 -30.04
N THR A 56 -17.03 -18.85 -29.17
CA THR A 56 -17.17 -20.29 -29.33
C THR A 56 -18.64 -20.67 -29.45
N SER A 57 -19.49 -19.71 -29.84
CA SER A 57 -20.93 -19.90 -29.90
C SER A 57 -21.31 -21.03 -30.85
N ASP A 58 -22.33 -21.79 -30.48
CA ASP A 58 -22.91 -22.83 -31.32
C ASP A 58 -24.43 -22.69 -31.32
N PHE A 59 -25.12 -23.56 -32.05
CA PHE A 59 -26.58 -23.44 -32.15
C PHE A 59 -27.24 -23.52 -30.77
N SER A 60 -26.66 -24.24 -29.83
CA SER A 60 -27.27 -24.35 -28.51
C SER A 60 -27.05 -23.12 -27.61
N GLU A 61 -25.99 -22.29 -27.82
CA GLU A 61 -25.53 -21.37 -26.79
C GLU A 61 -24.55 -20.30 -27.34
N GLN A 62 -24.79 -19.02 -27.02
CA GLN A 62 -23.84 -17.94 -27.22
C GLN A 62 -22.76 -18.08 -26.15
N LYS A 63 -21.50 -18.18 -26.55
CA LYS A 63 -20.44 -18.34 -25.56
C LYS A 63 -19.08 -17.91 -26.10
N PHE A 64 -18.22 -17.61 -25.12
CA PHE A 64 -16.86 -17.16 -25.38
C PHE A 64 -15.90 -17.88 -24.44
N SER A 65 -14.62 -17.88 -24.83
CA SER A 65 -13.60 -18.60 -24.10
CA SER A 65 -13.60 -18.61 -24.12
C SER A 65 -12.33 -17.76 -24.08
N SER A 66 -11.67 -17.76 -22.92
CA SER A 66 -10.38 -17.12 -22.74
C SER A 66 -9.44 -18.05 -21.96
N VAL A 67 -8.14 -17.87 -22.17
CA VAL A 67 -7.10 -18.58 -21.45
C VAL A 67 -6.19 -17.56 -20.79
N PHE A 68 -6.04 -17.69 -19.46
CA PHE A 68 -5.16 -16.83 -18.67
C PHE A 68 -4.03 -17.64 -18.03
N THR A 69 -2.83 -17.07 -17.97
CA THR A 69 -1.67 -17.81 -17.52
C THR A 69 -1.16 -17.30 -16.20
N GLY A 70 -1.53 -16.06 -15.82
CA GLY A 70 -1.06 -15.44 -14.59
C GLY A 70 -0.04 -14.33 -14.82
N ASP A 71 0.38 -14.17 -16.07
CA ASP A 71 1.28 -13.11 -16.51
C ASP A 71 0.51 -11.81 -16.73
N GLU A 72 -0.80 -11.87 -16.92
CA GLU A 72 -1.61 -10.67 -17.15
C GLU A 72 -1.57 -9.77 -15.92
N PHE A 73 -1.68 -8.46 -16.15
CA PHE A 73 -1.58 -7.47 -15.07
C PHE A 73 -2.66 -7.66 -14.01
N PHE A 74 -3.85 -8.11 -14.41
CA PHE A 74 -4.97 -8.26 -13.48
C PHE A 74 -4.91 -9.59 -12.74
N LEU A 75 -3.92 -10.44 -13.01
CA LEU A 75 -3.65 -11.60 -12.17
C LEU A 75 -2.35 -11.44 -11.37
N ARG A 76 -1.25 -11.03 -12.01
CA ARG A 76 0.01 -10.93 -11.30
C ARG A 76 -0.08 -9.92 -10.16
N ASP A 77 -0.92 -8.90 -10.31
CA ASP A 77 -1.00 -7.84 -9.34
C ASP A 77 -2.27 -7.93 -8.48
N HIS A 78 -2.91 -9.12 -8.45
CA HIS A 78 -4.07 -9.35 -7.60
C HIS A 78 -3.93 -10.74 -6.95
N VAL A 79 -3.21 -10.77 -5.83
CA VAL A 79 -2.74 -12.01 -5.26
C VAL A 79 -3.28 -12.10 -3.83
N VAL A 80 -4.04 -13.18 -3.59
CA VAL A 80 -4.76 -13.37 -2.35
C VAL A 80 -4.07 -14.48 -1.57
N ARG A 81 -3.35 -14.08 -0.51
CA ARG A 81 -2.54 -14.98 0.31
C ARG A 81 -1.73 -15.95 -0.53
N GLY A 82 -1.02 -15.37 -1.48
CA GLY A 82 0.00 -16.09 -2.20
C GLY A 82 -0.49 -16.64 -3.52
N LYS A 83 -1.81 -16.61 -3.77
CA LYS A 83 -2.34 -17.17 -5.02
C LYS A 83 -2.93 -16.07 -5.90
N PRO A 84 -2.45 -15.94 -7.16
CA PRO A 84 -3.12 -15.06 -8.12
C PRO A 84 -4.56 -15.51 -8.27
N VAL A 85 -5.49 -14.54 -8.16
CA VAL A 85 -6.91 -14.83 -8.26
C VAL A 85 -7.53 -13.85 -9.25
N LEU A 86 -8.39 -14.33 -10.15
CA LEU A 86 -9.05 -13.43 -11.07
C LEU A 86 -9.93 -12.49 -10.24
N PRO A 87 -9.71 -11.18 -10.33
CA PRO A 87 -10.52 -10.27 -9.55
C PRO A 87 -11.97 -10.15 -10.02
N GLY A 88 -12.89 -9.98 -9.06
CA GLY A 88 -14.30 -9.70 -9.30
C GLY A 88 -14.55 -8.78 -10.51
N VAL A 89 -13.81 -7.67 -10.58
CA VAL A 89 -14.06 -6.66 -11.60
C VAL A 89 -13.76 -7.19 -13.01
N ALA A 90 -12.90 -8.19 -13.13
CA ALA A 90 -12.61 -8.78 -14.44
C ALA A 90 -13.84 -9.52 -14.96
N TYR A 91 -14.62 -10.12 -14.05
CA TYR A 91 -15.83 -10.81 -14.46
C TYR A 91 -16.87 -9.82 -15.00
N LEU A 92 -16.93 -8.62 -14.42
CA LEU A 92 -17.89 -7.61 -14.82
C LEU A 92 -17.54 -7.14 -16.22
N GLU A 93 -16.25 -6.89 -16.47
CA GLU A 93 -15.83 -6.44 -17.79
C GLU A 93 -16.01 -7.55 -18.82
N MET A 94 -15.69 -8.77 -18.43
CA MET A 94 -15.91 -9.91 -19.32
C MET A 94 -17.39 -10.01 -19.73
N ALA A 95 -18.31 -9.88 -18.77
CA ALA A 95 -19.75 -9.91 -19.09
C ALA A 95 -20.13 -8.77 -20.00
N TYR A 96 -19.64 -7.57 -19.69
CA TYR A 96 -19.92 -6.38 -20.47
C TYR A 96 -19.47 -6.60 -21.93
N ALA A 97 -18.25 -7.09 -22.11
CA ALA A 97 -17.68 -7.26 -23.44
C ALA A 97 -18.48 -8.32 -24.22
N ALA A 98 -18.82 -9.44 -23.55
CA ALA A 98 -19.63 -10.51 -24.12
C ALA A 98 -20.98 -9.98 -24.59
N ILE A 99 -21.66 -9.23 -23.73
CA ILE A 99 -22.98 -8.71 -24.06
C ILE A 99 -22.89 -7.77 -25.25
N ASN A 100 -21.88 -6.92 -25.25
CA ASN A 100 -21.69 -5.96 -26.31
C ASN A 100 -21.47 -6.69 -27.64
N GLN A 101 -20.71 -7.80 -27.61
CA GLN A 101 -20.55 -8.64 -28.79
C GLN A 101 -21.87 -9.27 -29.23
N ALA A 102 -22.59 -9.91 -28.29
CA ALA A 102 -23.75 -10.73 -28.62
C ALA A 102 -24.95 -9.89 -29.06
N ALA A 103 -25.09 -8.70 -28.49
CA ALA A 103 -26.23 -7.84 -28.77
C ALA A 103 -25.93 -6.93 -29.98
N GLY A 104 -24.66 -6.73 -30.33
CA GLY A 104 -24.33 -6.21 -31.65
C GLY A 104 -25.01 -4.87 -31.95
N SER A 105 -25.84 -4.82 -33.01
CA SER A 105 -26.36 -3.56 -33.53
C SER A 105 -27.64 -3.13 -32.81
N GLU A 106 -28.20 -4.01 -31.95
CA GLU A 106 -29.21 -3.62 -30.98
C GLU A 106 -28.67 -2.52 -30.07
N ILE A 107 -27.35 -2.45 -29.87
CA ILE A 107 -26.73 -1.39 -29.09
C ILE A 107 -26.48 -0.21 -30.00
N GLY A 108 -27.48 0.67 -30.10
CA GLY A 108 -27.35 2.01 -30.64
C GLY A 108 -26.80 2.99 -29.61
N GLN A 109 -26.70 4.25 -30.02
CA GLN A 109 -25.95 5.25 -29.28
C GLN A 109 -26.65 5.56 -27.95
N ASP A 110 -27.96 5.29 -27.88
CA ASP A 110 -28.74 5.68 -26.71
C ASP A 110 -29.14 4.46 -25.89
N VAL A 111 -28.36 3.38 -26.01
CA VAL A 111 -28.63 2.15 -25.28
C VAL A 111 -27.40 1.87 -24.42
N ARG A 112 -27.63 1.50 -23.16
CA ARG A 112 -26.57 1.20 -22.22
C ARG A 112 -26.77 -0.21 -21.69
N ILE A 113 -25.64 -0.81 -21.30
CA ILE A 113 -25.67 -2.11 -20.66
C ILE A 113 -25.74 -1.89 -19.15
N ARG A 114 -26.70 -2.58 -18.54
CA ARG A 114 -26.82 -2.57 -17.10
C ARG A 114 -26.70 -4.00 -16.61
N LEU A 115 -25.78 -4.24 -15.64
CA LEU A 115 -25.71 -5.56 -15.00
C LEU A 115 -26.61 -5.48 -13.78
N ASN A 116 -27.37 -6.56 -13.55
CA ASN A 116 -28.25 -6.67 -12.40
C ASN A 116 -27.51 -7.56 -11.41
N HIS A 117 -28.23 -8.36 -10.61
CA HIS A 117 -27.69 -9.11 -9.49
C HIS A 117 -26.63 -10.11 -9.96
N THR A 118 -25.38 -9.87 -9.52
CA THR A 118 -24.24 -10.66 -9.93
C THR A 118 -23.58 -11.22 -8.67
N VAL A 119 -23.21 -12.50 -8.71
N VAL A 119 -23.23 -12.50 -8.72
CA VAL A 119 -22.56 -13.14 -7.57
CA VAL A 119 -22.57 -13.15 -7.59
C VAL A 119 -21.27 -13.81 -8.03
C VAL A 119 -21.24 -13.76 -8.06
N TRP A 120 -20.29 -13.75 -7.12
CA TRP A 120 -19.03 -14.44 -7.26
C TRP A 120 -19.07 -15.64 -6.34
N VAL A 121 -19.09 -16.83 -6.91
CA VAL A 121 -19.43 -18.05 -6.20
C VAL A 121 -18.15 -18.72 -5.78
N GLN A 122 -17.22 -18.85 -6.73
CA GLN A 122 -16.02 -19.64 -6.51
C GLN A 122 -14.88 -19.04 -7.32
N PRO A 123 -13.71 -18.83 -6.70
CA PRO A 123 -12.63 -18.07 -7.33
C PRO A 123 -11.98 -18.87 -8.45
N VAL A 124 -11.41 -18.12 -9.40
CA VAL A 124 -10.51 -18.64 -10.41
C VAL A 124 -9.10 -18.39 -9.88
N VAL A 125 -8.38 -19.47 -9.60
CA VAL A 125 -7.03 -19.41 -9.07
C VAL A 125 -6.09 -19.77 -10.21
N VAL A 126 -5.12 -18.93 -10.49
CA VAL A 126 -4.13 -19.17 -11.52
C VAL A 126 -2.73 -19.17 -10.90
N ASP A 127 -2.37 -20.32 -10.29
CA ASP A 127 -1.14 -20.48 -9.52
CA ASP A 127 -1.12 -20.44 -9.54
C ASP A 127 -0.20 -21.43 -10.28
N ARG A 128 -0.62 -22.70 -10.39
CA ARG A 128 0.23 -23.74 -10.95
C ARG A 128 0.06 -23.86 -12.46
N HIS A 129 -1.16 -23.65 -12.98
CA HIS A 129 -1.44 -23.92 -14.38
C HIS A 129 -2.42 -22.89 -14.93
N SER A 130 -2.45 -22.73 -16.26
CA SER A 130 -3.31 -21.76 -16.90
C SER A 130 -4.78 -22.08 -16.62
N ALA A 131 -5.66 -21.07 -16.68
CA ALA A 131 -7.09 -21.31 -16.52
C ALA A 131 -7.83 -20.94 -17.80
N GLN A 132 -8.71 -21.83 -18.23
CA GLN A 132 -9.61 -21.57 -19.33
C GLN A 132 -10.95 -21.14 -18.75
N VAL A 133 -11.29 -19.86 -18.97
CA VAL A 133 -12.50 -19.28 -18.40
C VAL A 133 -13.47 -18.94 -19.54
N ASP A 134 -14.66 -19.52 -19.43
CA ASP A 134 -15.71 -19.40 -20.43
C ASP A 134 -16.87 -18.60 -19.86
N ILE A 135 -17.62 -17.96 -20.77
CA ILE A 135 -18.84 -17.27 -20.44
C ILE A 135 -19.92 -17.65 -21.46
N SER A 136 -21.11 -18.02 -20.93
CA SER A 136 -22.30 -18.29 -21.74
C SER A 136 -23.32 -17.20 -21.45
N LEU A 137 -24.05 -16.78 -22.48
CA LEU A 137 -25.09 -15.76 -22.36
C LEU A 137 -26.39 -16.39 -22.88
N PHE A 138 -27.50 -16.10 -22.18
CA PHE A 138 -28.82 -16.64 -22.49
C PHE A 138 -29.80 -15.48 -22.57
N PRO A 139 -30.24 -15.09 -23.78
CA PRO A 139 -31.20 -14.02 -23.94
C PRO A 139 -32.56 -14.54 -23.46
N GLU A 140 -33.25 -13.80 -22.60
CA GLU A 140 -34.51 -14.26 -22.00
C GLU A 140 -35.67 -13.57 -22.72
N GLU A 141 -36.88 -14.09 -22.49
CA GLU A 141 -38.09 -13.65 -23.17
C GLU A 141 -38.35 -12.17 -22.88
N ASP A 142 -38.12 -11.75 -21.64
CA ASP A 142 -38.45 -10.40 -21.20
C ASP A 142 -37.39 -9.38 -21.63
N GLY A 143 -36.37 -9.80 -22.39
CA GLY A 143 -35.30 -8.89 -22.82
C GLY A 143 -34.07 -8.88 -21.90
N LYS A 144 -34.15 -9.54 -20.74
CA LYS A 144 -32.97 -9.73 -19.93
C LYS A 144 -32.04 -10.76 -20.58
N ILE A 145 -30.79 -10.76 -20.08
CA ILE A 145 -29.77 -11.71 -20.50
C ILE A 145 -29.21 -12.29 -19.21
N THR A 146 -29.12 -13.61 -19.10
CA THR A 146 -28.42 -14.19 -17.96
C THR A 146 -27.07 -14.70 -18.45
N PHE A 147 -26.07 -14.66 -17.56
CA PHE A 147 -24.75 -15.15 -17.89
C PHE A 147 -24.21 -16.03 -16.78
N ASP A 148 -23.48 -17.08 -17.20
CA ASP A 148 -22.65 -17.91 -16.36
C ASP A 148 -21.19 -17.78 -16.80
N ILE A 149 -20.30 -17.66 -15.82
CA ILE A 149 -18.87 -17.69 -16.04
C ILE A 149 -18.31 -18.89 -15.32
N TYR A 150 -17.58 -19.75 -16.05
CA TYR A 150 -17.30 -21.08 -15.56
C TYR A 150 -16.01 -21.60 -16.18
N SER A 151 -15.51 -22.70 -15.62
CA SER A 151 -14.33 -23.37 -16.14
C SER A 151 -14.50 -24.88 -16.07
N THR A 152 -13.72 -25.59 -16.91
CA THR A 152 -13.57 -27.03 -16.87
C THR A 152 -12.10 -27.41 -17.01
N GLN A 153 -11.68 -28.48 -16.31
CA GLN A 153 -10.30 -28.95 -16.33
C GLN A 153 -10.03 -29.74 -17.61
N GLU A 154 -10.91 -30.71 -17.90
CA GLU A 154 -10.90 -31.49 -19.13
C GLU A 154 -12.24 -31.33 -19.82
N ASP A 155 -12.29 -31.72 -21.09
CA ASP A 155 -13.50 -31.57 -21.90
C ASP A 155 -14.58 -32.47 -21.30
N GLY A 156 -15.80 -31.94 -21.19
CA GLY A 156 -16.95 -32.69 -20.71
C GLY A 156 -16.88 -33.03 -19.22
N ASP A 157 -16.02 -32.34 -18.46
CA ASP A 157 -16.09 -32.35 -17.00
C ASP A 157 -17.35 -31.59 -16.58
N ASP A 158 -17.77 -31.76 -15.32
CA ASP A 158 -18.76 -30.87 -14.74
C ASP A 158 -18.10 -29.51 -14.69
N PRO A 159 -18.74 -28.44 -15.24
CA PRO A 159 -18.16 -27.11 -15.15
C PRO A 159 -18.14 -26.63 -13.70
N VAL A 160 -17.11 -25.90 -13.31
CA VAL A 160 -17.17 -25.14 -12.08
C VAL A 160 -17.75 -23.76 -12.39
N ILE A 161 -18.81 -23.37 -11.67
CA ILE A 161 -19.40 -22.05 -11.80
C ILE A 161 -18.62 -21.06 -10.93
N HIS A 162 -18.01 -20.03 -11.56
CA HIS A 162 -17.30 -19.02 -10.82
C HIS A 162 -18.19 -17.82 -10.49
N SER A 163 -19.09 -17.50 -11.40
CA SER A 163 -19.91 -16.31 -11.24
C SER A 163 -21.19 -16.45 -12.06
N GLN A 164 -22.26 -15.83 -11.57
CA GLN A 164 -23.54 -15.86 -12.27
C GLN A 164 -24.19 -14.51 -12.10
N GLY A 165 -24.87 -14.05 -13.15
CA GLY A 165 -25.53 -12.77 -13.06
C GLY A 165 -26.59 -12.61 -14.15
N SER A 166 -27.13 -11.39 -14.24
CA SER A 166 -28.00 -11.03 -15.32
C SER A 166 -27.77 -9.58 -15.72
N ALA A 167 -28.36 -9.22 -16.84
CA ALA A 167 -28.11 -7.94 -17.47
C ALA A 167 -29.33 -7.52 -18.30
N GLU A 168 -29.38 -6.25 -18.65
CA GLU A 168 -30.37 -5.78 -19.63
C GLU A 168 -29.78 -4.57 -20.35
N LEU A 169 -30.34 -4.33 -21.54
CA LEU A 169 -30.05 -3.14 -22.33
C LEU A 169 -31.07 -2.08 -21.95
N ALA A 170 -30.59 -0.91 -21.56
CA ALA A 170 -31.41 0.15 -20.98
C ALA A 170 -31.26 1.44 -21.79
N SER A 171 -32.36 2.21 -21.86
N SER A 171 -32.22 2.36 -21.63
CA SER A 171 -32.41 3.47 -22.59
CA SER A 171 -32.20 3.65 -22.31
C SER A 171 -31.55 4.51 -21.89
C SER A 171 -31.14 4.59 -21.70
N ALA A 172 -30.48 4.98 -22.55
N ALA A 172 -30.41 5.30 -22.56
CA ALA A 172 -29.60 5.92 -21.88
CA ALA A 172 -29.29 6.11 -22.12
C ALA A 172 -30.46 6.65 -20.86
C ALA A 172 -29.71 7.58 -21.95
N ALA A 173 -30.59 7.97 -20.98
N ALA A 173 -28.87 8.46 -22.48
CA ALA A 173 -31.56 8.74 -20.21
CA ALA A 173 -29.06 9.89 -22.37
C ALA A 173 -30.98 9.15 -18.86
C ALA A 173 -28.70 10.36 -20.96
N GLU A 174 -30.48 10.39 -18.79
N GLU A 174 -29.46 9.92 -19.95
CA GLU A 174 -30.11 11.04 -17.54
CA GLU A 174 -29.45 10.56 -18.63
C GLU A 174 -28.71 10.62 -17.13
C GLU A 174 -28.11 10.37 -17.94
N THR A 175 -27.76 11.56 -17.25
N THR A 175 -27.52 11.48 -17.46
CA THR A 175 -26.38 11.40 -16.83
CA THR A 175 -26.19 11.44 -16.85
C THR A 175 -26.18 11.99 -15.43
C THR A 175 -26.23 11.99 -15.42
N PRO A 176 -26.14 11.17 -14.34
CA PRO A 176 -26.13 11.69 -12.98
C PRO A 176 -24.83 12.47 -12.74
N VAL A 177 -24.89 13.39 -11.80
CA VAL A 177 -23.72 14.21 -11.51
C VAL A 177 -23.45 14.09 -10.02
N ALA A 178 -22.19 14.33 -9.66
CA ALA A 178 -21.80 14.27 -8.27
C ALA A 178 -21.27 15.65 -7.91
N ASP A 179 -21.58 16.05 -6.67
CA ASP A 179 -20.99 17.23 -6.07
C ASP A 179 -19.72 16.84 -5.31
N LEU A 180 -18.59 16.88 -6.00
CA LEU A 180 -17.34 16.38 -5.45
C LEU A 180 -16.93 17.26 -4.26
N THR A 181 -17.30 18.55 -4.30
CA THR A 181 -17.00 19.48 -3.21
C THR A 181 -17.73 19.05 -1.93
N GLU A 182 -19.04 18.90 -2.00
CA GLU A 182 -19.82 18.45 -0.84
C GLU A 182 -19.32 17.08 -0.38
N MET A 183 -19.02 16.17 -1.32
CA MET A 183 -18.54 14.85 -0.93
C MET A 183 -17.24 14.98 -0.13
N SER A 184 -16.26 15.73 -0.63
CA SER A 184 -15.03 15.97 0.12
C SER A 184 -15.37 16.47 1.52
N ARG A 185 -16.29 17.45 1.58
CA ARG A 185 -16.57 18.17 2.82
C ARG A 185 -17.07 17.18 3.87
N ARG A 186 -17.92 16.25 3.46
CA ARG A 186 -18.50 15.31 4.42
C ARG A 186 -17.48 14.25 4.82
N CYS A 187 -16.45 14.04 3.97
CA CYS A 187 -15.41 13.05 4.24
C CYS A 187 -14.17 13.72 4.82
N GLY A 188 -14.33 14.46 5.92
CA GLY A 188 -13.22 15.23 6.46
C GLY A 188 -12.70 14.69 7.78
N LYS A 189 -13.07 13.44 8.12
CA LYS A 189 -12.79 12.86 9.43
C LYS A 189 -11.39 12.24 9.48
N GLY A 190 -10.73 12.07 8.34
CA GLY A 190 -9.38 11.55 8.32
C GLY A 190 -8.90 11.26 6.90
N LYS A 191 -7.58 11.25 6.72
CA LYS A 191 -6.92 10.97 5.46
C LYS A 191 -6.22 9.61 5.57
N MET A 192 -6.42 8.76 4.56
CA MET A 192 -5.71 7.50 4.47
C MET A 192 -4.88 7.55 3.20
N SER A 193 -3.55 7.43 3.34
CA SER A 193 -2.65 7.41 2.20
C SER A 193 -2.60 6.02 1.55
N PRO A 194 -2.21 5.94 0.26
CA PRO A 194 -1.93 4.67 -0.41
C PRO A 194 -0.92 3.84 0.38
N ASP A 195 0.11 4.51 0.93
CA ASP A 195 1.10 3.75 1.68
C ASP A 195 0.48 3.07 2.90
N GLN A 196 -0.43 3.75 3.58
CA GLN A 196 -1.15 3.09 4.66
C GLN A 196 -2.00 1.92 4.13
N PHE A 197 -2.82 2.19 3.11
CA PHE A 197 -3.84 1.22 2.69
C PHE A 197 -3.19 -0.06 2.13
N TYR A 198 -2.24 0.08 1.21
CA TYR A 198 -1.70 -1.06 0.50
C TYR A 198 -0.85 -1.91 1.44
N GLU A 199 -0.23 -1.25 2.43
CA GLU A 199 0.53 -1.97 3.43
C GLU A 199 -0.39 -2.75 4.37
N GLU A 200 -1.49 -2.14 4.79
CA GLU A 200 -2.52 -2.84 5.56
C GLU A 200 -3.06 -4.06 4.80
N GLY A 201 -3.21 -3.91 3.48
CA GLY A 201 -3.60 -5.05 2.65
C GLY A 201 -2.61 -6.21 2.72
N ARG A 202 -1.33 -5.91 2.44
CA ARG A 202 -0.29 -6.90 2.49
C ARG A 202 -0.27 -7.61 3.86
N SER A 203 -0.52 -6.86 4.92
CA SER A 203 -0.59 -7.38 6.28
C SER A 203 -1.73 -8.38 6.46
N ARG A 204 -2.84 -8.18 5.76
CA ARG A 204 -4.00 -9.05 5.84
C ARG A 204 -3.92 -10.19 4.83
N GLY A 205 -2.96 -10.15 3.91
CA GLY A 205 -2.85 -11.15 2.88
C GLY A 205 -3.44 -10.75 1.53
N MET A 206 -3.80 -9.47 1.35
CA MET A 206 -4.29 -8.97 0.06
C MET A 206 -3.19 -8.15 -0.61
N PHE A 207 -2.54 -8.75 -1.61
CA PHE A 207 -1.45 -8.11 -2.34
C PHE A 207 -1.98 -7.44 -3.61
N HIS A 208 -2.07 -6.11 -3.56
CA HIS A 208 -2.34 -5.31 -4.74
C HIS A 208 -0.99 -4.92 -5.29
N GLY A 209 -0.63 -5.48 -6.43
CA GLY A 209 0.58 -5.10 -7.13
C GLY A 209 0.44 -3.74 -7.80
N PRO A 210 1.53 -3.21 -8.40
CA PRO A 210 1.51 -1.88 -9.00
C PRO A 210 0.33 -1.55 -9.92
N ALA A 211 -0.10 -2.50 -10.77
CA ALA A 211 -1.21 -2.24 -11.68
C ALA A 211 -2.54 -2.05 -10.95
N PHE A 212 -2.66 -2.51 -9.70
CA PHE A 212 -3.88 -2.37 -8.94
C PHE A 212 -3.83 -1.31 -7.85
N GLN A 213 -2.75 -0.52 -7.78
CA GLN A 213 -2.64 0.55 -6.81
C GLN A 213 -3.17 1.84 -7.42
N GLY A 214 -4.47 1.84 -7.67
CA GLY A 214 -5.11 2.97 -8.33
C GLY A 214 -5.53 4.08 -7.37
N ILE A 215 -5.52 3.84 -6.05
CA ILE A 215 -5.95 4.81 -5.07
C ILE A 215 -4.77 5.75 -4.81
N LYS A 216 -5.02 7.08 -4.95
CA LYS A 216 -4.04 8.13 -4.73
C LYS A 216 -4.23 8.79 -3.36
N ASN A 217 -5.49 8.81 -2.87
CA ASN A 217 -5.87 9.45 -1.62
CA ASN A 217 -5.80 9.33 -1.55
C ASN A 217 -7.23 8.93 -1.21
N VAL A 218 -7.47 8.83 0.09
CA VAL A 218 -8.77 8.45 0.60
C VAL A 218 -9.16 9.42 1.71
N ASN A 219 -10.31 10.10 1.54
CA ASN A 219 -10.90 10.91 2.60
C ASN A 219 -12.02 10.13 3.26
N ILE A 220 -11.91 9.99 4.58
CA ILE A 220 -12.80 9.14 5.36
C ILE A 220 -13.90 9.98 5.98
N GLY A 221 -15.15 9.57 5.75
CA GLY A 221 -16.31 10.21 6.35
C GLY A 221 -16.99 9.22 7.28
N ASN A 222 -18.20 9.57 7.72
CA ASN A 222 -18.99 8.67 8.55
C ASN A 222 -19.85 7.81 7.64
N ARG A 223 -19.52 6.50 7.53
CA ARG A 223 -20.23 5.55 6.67
C ARG A 223 -20.20 5.96 5.20
N GLU A 224 -19.17 6.72 4.84
CA GLU A 224 -18.93 7.13 3.47
C GLU A 224 -17.46 7.49 3.32
N VAL A 225 -16.99 7.41 2.07
N VAL A 225 -16.93 7.28 2.11
CA VAL A 225 -15.59 7.54 1.73
CA VAL A 225 -15.55 7.65 1.79
C VAL A 225 -15.47 8.16 0.34
C VAL A 225 -15.49 8.20 0.37
N LEU A 226 -14.48 9.03 0.14
CA LEU A 226 -14.20 9.57 -1.20
C LEU A 226 -12.74 9.31 -1.53
N ALA A 227 -12.48 8.49 -2.56
CA ALA A 227 -11.11 8.27 -2.97
C ALA A 227 -10.83 8.92 -4.30
N GLN A 228 -9.63 9.48 -4.43
CA GLN A 228 -9.06 9.85 -5.70
C GLN A 228 -8.38 8.65 -6.36
N LEU A 229 -8.71 8.38 -7.64
CA LEU A 229 -8.14 7.29 -8.39
C LEU A 229 -7.28 7.82 -9.53
N GLN A 230 -6.25 7.04 -9.88
CA GLN A 230 -5.43 7.27 -11.05
C GLN A 230 -4.98 5.93 -11.63
N LEU A 231 -5.15 5.78 -12.95
CA LEU A 231 -4.67 4.61 -13.65
C LEU A 231 -3.17 4.50 -13.44
N PRO A 232 -2.64 3.39 -12.85
CA PRO A 232 -1.22 3.33 -12.58
C PRO A 232 -0.40 3.44 -13.88
N GLU A 233 0.81 3.98 -13.73
CA GLU A 233 1.64 4.28 -14.89
C GLU A 233 1.99 2.99 -15.63
N ILE A 234 2.18 1.89 -14.89
CA ILE A 234 2.54 0.60 -15.50
C ILE A 234 1.49 0.12 -16.50
N VAL A 235 0.22 0.55 -16.40
CA VAL A 235 -0.80 0.16 -17.38
C VAL A 235 -1.36 1.38 -18.11
N SER A 236 -0.60 2.47 -18.15
CA SER A 236 -1.07 3.70 -18.80
C SER A 236 -1.37 3.45 -20.29
N GLY A 237 -0.75 2.44 -20.89
CA GLY A 237 -1.02 2.12 -22.28
C GLY A 237 -2.27 1.26 -22.53
N THR A 238 -3.19 1.14 -21.56
CA THR A 238 -4.31 0.20 -21.68
C THR A 238 -5.67 0.89 -21.57
N ASN A 239 -5.72 2.22 -21.47
CA ASN A 239 -6.98 2.87 -21.09
C ASN A 239 -8.04 2.75 -22.18
N GLU A 240 -7.63 2.57 -23.44
CA GLU A 240 -8.57 2.43 -24.54
C GLU A 240 -8.98 0.97 -24.75
N GLN A 241 -8.41 0.02 -24.02
CA GLN A 241 -8.72 -1.38 -24.26
C GLN A 241 -9.96 -1.87 -23.50
N PHE A 242 -10.39 -1.14 -22.49
CA PHE A 242 -11.40 -1.59 -21.55
C PHE A 242 -12.47 -0.52 -21.40
N VAL A 243 -13.70 -0.93 -21.09
CA VAL A 243 -14.74 -0.01 -20.67
C VAL A 243 -14.71 0.05 -19.14
N LEU A 244 -14.91 -1.11 -18.50
CA LEU A 244 -14.65 -1.25 -17.07
C LEU A 244 -13.18 -1.69 -16.85
N HIS A 245 -12.29 -0.71 -16.68
CA HIS A 245 -10.86 -0.98 -16.58
C HIS A 245 -10.62 -1.64 -15.23
N PRO A 246 -10.04 -2.86 -15.20
CA PRO A 246 -9.86 -3.56 -13.94
C PRO A 246 -9.07 -2.78 -12.89
N SER A 247 -8.10 -1.95 -13.31
CA SER A 247 -7.30 -1.19 -12.36
C SER A 247 -8.19 -0.16 -11.65
N ILE A 248 -8.98 0.56 -12.44
CA ILE A 248 -9.85 1.59 -11.92
C ILE A 248 -10.99 0.98 -11.11
N MET A 249 -11.64 -0.01 -11.71
CA MET A 249 -12.79 -0.62 -11.08
C MET A 249 -12.41 -1.33 -9.78
N ASP A 250 -11.27 -2.05 -9.75
CA ASP A 250 -10.87 -2.69 -8.50
C ASP A 250 -10.50 -1.64 -7.46
N SER A 251 -9.89 -0.53 -7.89
CA SER A 251 -9.62 0.56 -6.94
C SER A 251 -10.92 1.14 -6.36
N ALA A 252 -12.00 1.15 -7.17
CA ALA A 252 -13.31 1.54 -6.70
C ALA A 252 -13.87 0.57 -5.65
N LEU A 253 -13.71 -0.75 -5.90
CA LEU A 253 -14.13 -1.74 -4.92
C LEU A 253 -13.25 -1.69 -3.66
N GLN A 254 -11.95 -1.40 -3.82
CA GLN A 254 -11.06 -1.17 -2.68
C GLN A 254 -11.61 -0.06 -1.79
N THR A 255 -11.98 1.08 -2.42
CA THR A 255 -12.60 2.20 -1.75
C THR A 255 -13.80 1.75 -0.94
N ALA A 256 -14.72 0.98 -1.56
CA ALA A 256 -15.87 0.47 -0.83
C ALA A 256 -15.46 -0.42 0.33
N THR A 257 -14.43 -1.27 0.16
CA THR A 257 -14.04 -2.13 1.27
C THR A 257 -13.53 -1.29 2.43
N ILE A 258 -12.87 -0.17 2.16
CA ILE A 258 -12.43 0.73 3.23
C ILE A 258 -13.66 1.18 4.03
N CYS A 259 -14.74 1.51 3.30
CA CYS A 259 -15.96 2.00 3.88
C CYS A 259 -16.60 0.91 4.74
N ILE A 260 -16.71 -0.28 4.15
CA ILE A 260 -17.23 -1.44 4.87
C ILE A 260 -16.34 -1.84 6.06
N MET A 261 -15.01 -1.72 5.94
CA MET A 261 -14.17 -2.27 7.01
C MET A 261 -14.34 -1.40 8.26
N GLN A 262 -14.68 -0.12 8.08
CA GLN A 262 -15.04 0.75 9.20
C GLN A 262 -15.89 0.00 10.22
N GLU A 263 -16.82 -0.86 9.76
CA GLU A 263 -17.77 -1.49 10.66
C GLU A 263 -17.43 -2.96 10.99
N LEU A 264 -16.20 -3.43 10.70
CA LEU A 264 -15.80 -4.81 10.98
C LEU A 264 -14.56 -4.86 11.88
N THR A 265 -14.25 -6.09 12.38
CA THR A 265 -12.99 -6.47 13.02
C THR A 265 -11.79 -6.04 12.17
N ASP A 266 -10.72 -5.58 12.85
CA ASP A 266 -9.63 -4.83 12.23
C ASP A 266 -9.07 -5.62 11.05
N GLN A 267 -8.51 -6.80 11.33
CA GLN A 267 -7.59 -7.42 10.38
C GLN A 267 -8.29 -8.51 9.57
N LYS A 268 -9.57 -8.32 9.20
CA LYS A 268 -10.27 -9.26 8.35
C LYS A 268 -10.02 -8.96 6.88
N LEU A 269 -9.57 -9.97 6.10
CA LEU A 269 -9.52 -9.81 4.66
C LEU A 269 -10.93 -10.02 4.12
N ILE A 270 -11.48 -9.05 3.38
CA ILE A 270 -12.79 -9.24 2.76
C ILE A 270 -12.65 -9.14 1.24
N LEU A 271 -13.45 -9.93 0.56
CA LEU A 271 -13.41 -10.03 -0.90
C LEU A 271 -14.81 -9.84 -1.46
N PRO A 272 -14.94 -9.38 -2.72
CA PRO A 272 -16.24 -9.24 -3.38
C PRO A 272 -17.11 -10.49 -3.35
N PHE A 273 -18.37 -10.30 -3.04
CA PHE A 273 -19.29 -11.41 -2.93
C PHE A 273 -20.44 -11.22 -3.92
N ALA A 274 -21.05 -10.03 -3.96
CA ALA A 274 -22.14 -9.79 -4.90
C ALA A 274 -22.27 -8.30 -5.15
N LEU A 275 -23.00 -7.98 -6.21
CA LEU A 275 -23.49 -6.62 -6.40
C LEU A 275 -24.91 -6.70 -6.94
N GLU A 276 -25.75 -5.73 -6.61
CA GLU A 276 -27.14 -5.77 -7.05
C GLU A 276 -27.32 -5.08 -8.41
N GLU A 277 -26.53 -4.04 -8.68
CA GLU A 277 -26.69 -3.36 -9.95
C GLU A 277 -25.41 -2.63 -10.31
N LEU A 278 -25.10 -2.63 -11.61
CA LEU A 278 -24.00 -1.85 -12.15
C LEU A 278 -24.46 -1.24 -13.45
N GLU A 279 -24.37 0.09 -13.53
CA GLU A 279 -24.78 0.76 -14.76
C GLU A 279 -23.58 1.52 -15.29
N VAL A 280 -23.29 1.29 -16.57
CA VAL A 280 -22.25 2.01 -17.27
C VAL A 280 -22.92 3.19 -17.97
N ILE A 281 -22.60 4.41 -17.53
CA ILE A 281 -23.16 5.64 -18.06
C ILE A 281 -22.19 6.18 -19.11
N LYS A 282 -20.91 6.12 -18.83
CA LYS A 282 -19.97 6.90 -19.60
C LYS A 282 -18.62 6.22 -19.47
N GLY A 283 -17.78 6.53 -20.47
CA GLY A 283 -16.41 6.05 -20.50
C GLY A 283 -15.59 6.59 -19.33
N CYS A 284 -14.95 5.66 -18.62
CA CYS A 284 -13.96 5.97 -17.58
C CYS A 284 -12.62 6.43 -18.13
N SER A 285 -12.21 7.62 -17.67
CA SER A 285 -10.91 8.20 -17.95
C SER A 285 -9.85 7.72 -16.94
N SER A 286 -8.65 8.30 -16.99
CA SER A 286 -7.55 7.75 -16.22
C SER A 286 -7.34 8.47 -14.88
N SER A 287 -7.99 9.63 -14.69
CA SER A 287 -8.15 10.27 -13.39
C SER A 287 -9.63 10.27 -13.03
N MET A 288 -9.96 9.68 -11.88
CA MET A 288 -11.35 9.46 -11.49
CA MET A 288 -11.36 9.52 -11.50
C MET A 288 -11.46 9.63 -9.98
N TRP A 289 -12.69 9.54 -9.49
CA TRP A 289 -13.01 9.52 -8.07
C TRP A 289 -13.91 8.32 -7.80
N ALA A 290 -13.77 7.72 -6.62
CA ALA A 290 -14.76 6.76 -6.19
C ALA A 290 -15.38 7.28 -4.90
N TYR A 291 -16.70 7.41 -4.95
CA TYR A 291 -17.47 7.75 -3.77
C TYR A 291 -18.21 6.51 -3.32
N ALA A 292 -17.98 6.09 -2.07
CA ALA A 292 -18.70 4.94 -1.57
C ALA A 292 -19.47 5.30 -0.30
N ARG A 293 -20.65 4.69 -0.13
CA ARG A 293 -21.43 4.91 1.09
C ARG A 293 -22.14 3.63 1.48
N LEU A 294 -22.21 3.39 2.78
CA LEU A 294 -22.94 2.23 3.27
C LEU A 294 -24.42 2.42 3.00
N SER A 295 -25.12 1.33 2.64
CA SER A 295 -26.57 1.34 2.48
C SER A 295 -27.24 1.39 3.87
N VAL A 304 -26.00 -8.33 6.00
CA VAL A 304 -24.67 -8.06 5.36
C VAL A 304 -24.55 -6.54 5.16
N GLN A 305 -23.34 -6.00 5.35
CA GLN A 305 -23.15 -4.59 5.05
C GLN A 305 -22.90 -4.38 3.56
N LYS A 306 -23.80 -3.66 2.91
CA LYS A 306 -23.65 -3.38 1.49
C LYS A 306 -23.16 -1.96 1.36
N ALA A 307 -22.56 -1.67 0.21
CA ALA A 307 -22.18 -0.31 -0.14
C ALA A 307 -22.64 0.03 -1.55
N ASP A 308 -22.95 1.30 -1.77
CA ASP A 308 -23.15 1.87 -3.08
C ASP A 308 -21.88 2.61 -3.47
N ILE A 309 -21.55 2.61 -4.77
CA ILE A 309 -20.33 3.20 -5.27
C ILE A 309 -20.63 3.94 -6.55
N ASP A 310 -20.16 5.17 -6.61
CA ASP A 310 -20.16 5.96 -7.82
C ASP A 310 -18.71 6.19 -8.23
N VAL A 311 -18.40 5.85 -9.49
CA VAL A 311 -17.11 6.18 -10.07
C VAL A 311 -17.30 7.39 -10.99
N ILE A 312 -16.54 8.46 -10.72
CA ILE A 312 -16.85 9.81 -11.14
C ILE A 312 -15.63 10.38 -11.85
N ASP A 313 -15.84 11.04 -13.00
CA ASP A 313 -14.73 11.68 -13.71
C ASP A 313 -14.43 13.04 -13.08
N GLU A 314 -13.38 13.72 -13.56
CA GLU A 314 -12.96 15.01 -13.02
C GLU A 314 -14.07 16.05 -13.15
N SER A 315 -14.94 15.93 -14.15
CA SER A 315 -15.97 16.93 -14.37
C SER A 315 -17.13 16.76 -13.39
N GLY A 316 -17.17 15.66 -12.64
CA GLY A 316 -18.31 15.44 -11.74
C GLY A 316 -19.39 14.55 -12.35
N THR A 317 -19.14 14.02 -13.56
CA THR A 317 -20.10 13.11 -14.15
C THR A 317 -19.87 11.71 -13.60
N VAL A 318 -20.96 11.08 -13.12
CA VAL A 318 -20.94 9.70 -12.70
C VAL A 318 -20.84 8.79 -13.93
N CYS A 319 -19.73 8.05 -14.05
CA CYS A 319 -19.45 7.21 -15.21
C CYS A 319 -19.91 5.76 -15.03
N VAL A 320 -19.77 5.25 -13.81
CA VAL A 320 -20.26 3.93 -13.47
C VAL A 320 -20.95 4.07 -12.12
N ARG A 321 -22.13 3.47 -11.99
CA ARG A 321 -22.84 3.50 -10.73
C ARG A 321 -23.12 2.06 -10.29
N ILE A 322 -22.68 1.70 -9.09
CA ILE A 322 -22.94 0.40 -8.51
C ILE A 322 -23.85 0.54 -7.30
N LYS A 323 -24.77 -0.39 -7.15
CA LYS A 323 -25.62 -0.46 -5.98
C LYS A 323 -25.51 -1.82 -5.35
N GLY A 324 -25.51 -1.84 -4.00
CA GLY A 324 -25.60 -3.06 -3.23
C GLY A 324 -24.41 -4.02 -3.43
N PHE A 325 -23.19 -3.46 -3.43
CA PHE A 325 -21.96 -4.23 -3.40
C PHE A 325 -21.72 -4.81 -1.99
N SER A 326 -21.55 -6.13 -1.89
CA SER A 326 -21.23 -6.76 -0.62
C SER A 326 -20.02 -7.69 -0.75
N THR A 327 -19.46 -8.03 0.43
CA THR A 327 -18.20 -8.75 0.55
C THR A 327 -18.41 -9.92 1.51
N ARG A 328 -17.42 -10.82 1.59
CA ARG A 328 -17.39 -11.91 2.54
C ARG A 328 -15.96 -12.05 3.02
N VAL A 329 -15.82 -12.43 4.29
CA VAL A 329 -14.52 -12.60 4.92
C VAL A 329 -13.87 -13.87 4.39
N LEU A 330 -12.57 -13.78 4.05
CA LEU A 330 -11.78 -14.96 3.78
C LEU A 330 -10.91 -15.33 4.98
N GLU A 331 -11.10 -16.52 5.51
CA GLU A 331 -10.21 -17.05 6.50
C GLU A 331 -9.41 -18.14 5.83
N GLY A 332 -8.15 -18.27 6.20
CA GLY A 332 -7.33 -19.30 5.58
C GLY A 332 -6.98 -18.90 4.15
N GLU A 333 -6.74 -19.90 3.30
CA GLU A 333 -6.33 -19.73 1.92
C GLU A 333 -7.54 -19.76 1.01
N VAL A 334 -7.38 -19.28 -0.22
CA VAL A 334 -8.43 -19.43 -1.20
C VAL A 334 -8.36 -20.87 -1.71
N HIS A 335 -9.52 -21.52 -1.85
CA HIS A 335 -9.62 -22.88 -2.39
C HIS A 335 -10.69 -22.89 -3.47
N THR A 336 -10.59 -23.88 -4.38
CA THR A 336 -11.58 -24.12 -5.42
C THR A 336 -11.76 -25.62 -5.59
N GLY B 44 -3.45 -14.97 10.53
CA GLY B 44 -3.68 -15.24 9.10
C GLY B 44 -2.43 -14.97 8.27
N ILE B 45 -2.42 -15.51 7.05
CA ILE B 45 -1.31 -15.31 6.15
C ILE B 45 -1.24 -13.83 5.75
N GLY B 46 -0.03 -13.28 5.84
CA GLY B 46 0.28 -11.96 5.33
C GLY B 46 1.55 -11.41 5.99
N SER B 47 1.93 -10.16 5.68
CA SER B 47 3.21 -9.67 6.21
C SER B 47 3.02 -9.32 7.69
N ILE B 48 4.05 -9.56 8.50
CA ILE B 48 3.97 -9.30 9.93
C ILE B 48 4.02 -7.80 10.20
N HIS B 49 4.91 -7.11 9.48
CA HIS B 49 5.30 -5.73 9.73
C HIS B 49 5.90 -5.22 8.42
N PRO B 50 5.80 -3.91 8.11
CA PRO B 50 6.35 -3.40 6.86
C PRO B 50 7.84 -3.61 6.62
N LEU B 51 8.59 -3.81 7.71
CA LEU B 51 10.02 -4.05 7.65
C LEU B 51 10.39 -5.45 8.16
N LEU B 52 9.38 -6.33 8.31
CA LEU B 52 9.59 -7.66 8.84
C LEU B 52 8.47 -8.57 8.33
N HIS B 53 8.67 -9.09 7.13
CA HIS B 53 7.59 -9.65 6.34
C HIS B 53 7.22 -11.07 6.79
N GLN B 54 8.25 -11.94 6.95
CA GLN B 54 8.02 -13.37 7.19
C GLN B 54 8.95 -13.88 8.29
N ASN B 55 8.42 -14.77 9.14
CA ASN B 55 9.21 -15.54 10.10
C ASN B 55 9.81 -16.75 9.41
N THR B 56 11.15 -16.89 9.46
CA THR B 56 11.85 -17.97 8.80
C THR B 56 12.67 -18.72 9.83
N SER B 57 12.27 -18.67 11.10
CA SER B 57 13.03 -19.31 12.17
C SER B 57 13.12 -20.83 11.95
N ASP B 58 14.23 -21.38 12.42
CA ASP B 58 14.39 -22.84 12.43
C ASP B 58 15.06 -23.23 13.74
N PHE B 59 15.38 -24.52 13.89
CA PHE B 59 15.96 -24.99 15.13
C PHE B 59 17.31 -24.30 15.37
N SER B 60 18.04 -23.93 14.32
CA SER B 60 19.34 -23.32 14.55
C SER B 60 19.26 -21.84 14.96
N GLU B 61 18.24 -21.08 14.52
CA GLU B 61 18.14 -19.66 14.85
C GLU B 61 16.75 -19.07 14.61
N GLN B 62 16.48 -18.07 15.44
CA GLN B 62 15.38 -17.15 15.26
C GLN B 62 15.73 -16.23 14.09
N LYS B 63 14.82 -16.11 13.12
CA LYS B 63 15.15 -15.38 11.90
C LYS B 63 13.87 -14.89 11.22
N PHE B 64 13.98 -13.74 10.51
CA PHE B 64 12.93 -13.16 9.69
C PHE B 64 13.56 -12.76 8.36
N SER B 65 12.71 -12.70 7.32
CA SER B 65 13.08 -12.27 5.98
C SER B 65 12.03 -11.30 5.42
N SER B 66 12.54 -10.27 4.73
CA SER B 66 11.72 -9.29 4.05
C SER B 66 12.26 -9.13 2.63
N VAL B 67 11.38 -8.84 1.69
CA VAL B 67 11.82 -8.50 0.35
C VAL B 67 11.23 -7.14 -0.03
N PHE B 68 12.10 -6.20 -0.41
CA PHE B 68 11.69 -4.86 -0.78
C PHE B 68 11.82 -4.65 -2.29
N THR B 69 10.83 -3.96 -2.86
CA THR B 69 10.79 -3.72 -4.29
C THR B 69 11.47 -2.41 -4.66
N GLY B 70 11.52 -1.47 -3.71
CA GLY B 70 12.00 -0.12 -3.98
C GLY B 70 10.87 0.89 -4.08
N ASP B 71 9.62 0.40 -4.20
CA ASP B 71 8.45 1.26 -4.28
C ASP B 71 7.94 1.69 -2.91
N GLU B 72 8.46 1.09 -1.82
CA GLU B 72 8.07 1.45 -0.46
C GLU B 72 8.50 2.89 -0.17
N PHE B 73 7.74 3.60 0.66
CA PHE B 73 8.01 5.02 0.90
C PHE B 73 9.40 5.23 1.52
N PHE B 74 9.86 4.23 2.30
CA PHE B 74 11.13 4.33 3.03
C PHE B 74 12.32 4.00 2.15
N LEU B 75 12.07 3.62 0.89
CA LEU B 75 13.11 3.42 -0.11
C LEU B 75 13.01 4.43 -1.27
N ARG B 76 11.81 4.67 -1.81
CA ARG B 76 11.69 5.48 -3.02
C ARG B 76 12.10 6.93 -2.70
N ASP B 77 11.89 7.37 -1.45
CA ASP B 77 12.18 8.74 -1.06
C ASP B 77 13.44 8.85 -0.22
N HIS B 78 14.32 7.84 -0.26
CA HIS B 78 15.60 7.92 0.40
C HIS B 78 16.65 7.47 -0.59
N VAL B 79 17.13 8.43 -1.39
CA VAL B 79 17.94 8.13 -2.56
C VAL B 79 19.31 8.80 -2.41
N VAL B 80 20.36 7.99 -2.47
CA VAL B 80 21.71 8.46 -2.24
C VAL B 80 22.49 8.34 -3.54
N ARG B 81 22.94 9.48 -4.06
CA ARG B 81 23.65 9.57 -5.33
C ARG B 81 22.98 8.67 -6.38
N GLY B 82 21.65 8.85 -6.51
CA GLY B 82 20.87 8.20 -7.56
C GLY B 82 20.34 6.81 -7.21
N LYS B 83 20.72 6.26 -6.05
CA LYS B 83 20.36 4.89 -5.73
C LYS B 83 19.46 4.83 -4.49
N PRO B 84 18.27 4.17 -4.57
CA PRO B 84 17.45 3.95 -3.37
C PRO B 84 18.25 3.10 -2.40
N VAL B 85 18.33 3.55 -1.16
CA VAL B 85 19.12 2.92 -0.12
C VAL B 85 18.23 2.78 1.10
N LEU B 86 18.24 1.60 1.71
CA LEU B 86 17.50 1.41 2.94
C LEU B 86 18.12 2.32 3.99
N PRO B 87 17.31 3.19 4.63
CA PRO B 87 17.85 4.11 5.60
C PRO B 87 18.19 3.42 6.91
N GLY B 88 19.21 3.95 7.60
CA GLY B 88 19.62 3.48 8.91
C GLY B 88 18.46 3.19 9.86
N VAL B 89 17.47 4.11 9.90
CA VAL B 89 16.38 3.98 10.87
C VAL B 89 15.51 2.77 10.57
N ALA B 90 15.47 2.30 9.31
CA ALA B 90 14.71 1.09 8.95
C ALA B 90 15.31 -0.14 9.62
N TYR B 91 16.63 -0.16 9.79
CA TYR B 91 17.24 -1.30 10.46
C TYR B 91 16.87 -1.31 11.95
N LEU B 92 16.82 -0.13 12.56
CA LEU B 92 16.47 -0.02 13.97
C LEU B 92 15.04 -0.53 14.19
N GLU B 93 14.12 -0.13 13.31
CA GLU B 93 12.76 -0.60 13.45
C GLU B 93 12.65 -2.10 13.17
N MET B 94 13.41 -2.61 12.18
CA MET B 94 13.41 -4.03 11.87
C MET B 94 13.83 -4.83 13.09
N ALA B 95 14.90 -4.37 13.77
CA ALA B 95 15.41 -5.03 14.95
C ALA B 95 14.34 -4.97 16.03
N TYR B 96 13.75 -3.79 16.23
CA TYR B 96 12.76 -3.63 17.26
C TYR B 96 11.58 -4.59 17.05
N ALA B 97 11.08 -4.62 15.82
CA ALA B 97 9.93 -5.46 15.48
C ALA B 97 10.28 -6.94 15.69
N ALA B 98 11.50 -7.33 15.31
CA ALA B 98 11.94 -8.72 15.43
C ALA B 98 12.00 -9.15 16.89
N ILE B 99 12.58 -8.28 17.74
CA ILE B 99 12.77 -8.57 19.16
C ILE B 99 11.40 -8.72 19.78
N ASN B 100 10.50 -7.81 19.41
CA ASN B 100 9.17 -7.82 19.94
C ASN B 100 8.44 -9.12 19.55
N GLN B 101 8.58 -9.59 18.30
CA GLN B 101 8.02 -10.88 17.90
C GLN B 101 8.70 -12.02 18.67
N ALA B 102 10.02 -11.99 18.73
CA ALA B 102 10.76 -13.14 19.27
C ALA B 102 10.62 -13.23 20.78
N ALA B 103 10.47 -12.10 21.46
CA ALA B 103 10.49 -12.11 22.92
C ALA B 103 9.11 -11.79 23.49
N GLY B 104 8.08 -11.89 22.63
CA GLY B 104 6.72 -11.45 22.95
C GLY B 104 6.35 -11.60 24.43
N SER B 105 6.34 -12.84 24.93
CA SER B 105 5.84 -13.13 26.27
C SER B 105 6.60 -12.36 27.34
N GLU B 106 7.93 -12.35 27.21
CA GLU B 106 8.84 -11.75 28.18
C GLU B 106 8.64 -10.23 28.29
N ILE B 107 8.16 -9.57 27.22
CA ILE B 107 7.98 -8.12 27.25
C ILE B 107 6.62 -7.81 27.85
N GLY B 108 6.56 -6.76 28.66
CA GLY B 108 5.31 -6.35 29.29
C GLY B 108 5.52 -5.31 30.39
N GLN B 109 5.10 -4.07 30.10
CA GLN B 109 4.74 -3.05 31.08
C GLN B 109 5.98 -2.54 31.83
N ASP B 110 6.57 -3.40 32.67
CA ASP B 110 7.65 -3.01 33.55
C ASP B 110 9.01 -3.02 32.82
N VAL B 111 9.02 -3.31 31.51
CA VAL B 111 10.25 -3.23 30.74
C VAL B 111 9.99 -2.69 29.34
N ARG B 112 11.09 -2.30 28.71
CA ARG B 112 11.06 -1.76 27.38
C ARG B 112 12.27 -2.34 26.65
N ILE B 113 12.24 -2.27 25.33
CA ILE B 113 13.38 -2.65 24.51
C ILE B 113 14.35 -1.48 24.46
N ARG B 114 15.63 -1.80 24.66
CA ARG B 114 16.71 -0.85 24.55
C ARG B 114 17.73 -1.43 23.60
N LEU B 115 18.02 -0.72 22.49
CA LEU B 115 19.12 -1.12 21.63
C LEU B 115 20.42 -0.62 22.25
N ASN B 116 21.45 -1.45 22.20
CA ASN B 116 22.78 -1.05 22.60
C ASN B 116 23.51 -0.69 21.32
N HIS B 117 24.84 -0.83 21.35
CA HIS B 117 25.67 -0.39 20.25
C HIS B 117 25.21 -1.05 18.95
N THR B 118 24.97 -0.24 17.93
CA THR B 118 24.49 -0.71 16.64
C THR B 118 25.25 0.03 15.55
N VAL B 119 25.66 -0.70 14.50
CA VAL B 119 26.45 -0.14 13.41
CA VAL B 119 26.44 -0.12 13.41
C VAL B 119 25.74 -0.45 12.10
N TRP B 120 25.88 0.48 11.15
CA TRP B 120 25.44 0.35 9.78
C TRP B 120 26.70 0.15 8.93
N VAL B 121 26.90 -1.07 8.45
CA VAL B 121 28.19 -1.58 8.00
C VAL B 121 28.37 -1.29 6.51
N GLN B 122 27.33 -1.64 5.75
CA GLN B 122 27.34 -1.72 4.30
C GLN B 122 25.91 -1.61 3.80
N PRO B 123 25.61 -0.65 2.90
CA PRO B 123 24.24 -0.33 2.53
C PRO B 123 23.47 -1.42 1.75
N VAL B 124 22.14 -1.41 1.95
CA VAL B 124 21.21 -2.16 1.10
C VAL B 124 20.72 -1.24 -0.01
N VAL B 125 21.16 -1.55 -1.23
CA VAL B 125 20.80 -0.77 -2.42
C VAL B 125 19.65 -1.50 -3.12
N VAL B 126 18.57 -0.78 -3.45
CA VAL B 126 17.43 -1.42 -4.10
C VAL B 126 17.18 -0.68 -5.40
N ASP B 127 17.90 -1.10 -6.46
CA ASP B 127 18.06 -0.31 -7.66
C ASP B 127 17.31 -1.00 -8.82
N ARG B 128 17.89 -2.04 -9.41
CA ARG B 128 17.19 -2.73 -10.49
C ARG B 128 16.28 -3.78 -9.88
N HIS B 129 16.88 -4.60 -9.01
CA HIS B 129 16.23 -5.79 -8.51
C HIS B 129 15.71 -5.51 -7.11
N SER B 130 14.65 -6.23 -6.73
CA SER B 130 14.21 -6.31 -5.36
C SER B 130 15.36 -6.80 -4.49
N ALA B 131 15.33 -6.52 -3.19
CA ALA B 131 16.37 -7.01 -2.30
C ALA B 131 15.75 -7.71 -1.10
N GLN B 132 16.26 -8.92 -0.80
CA GLN B 132 15.89 -9.71 0.35
C GLN B 132 16.83 -9.37 1.49
N VAL B 133 16.27 -8.94 2.62
CA VAL B 133 17.02 -8.57 3.79
C VAL B 133 16.56 -9.49 4.93
N ASP B 134 17.52 -10.22 5.52
CA ASP B 134 17.24 -11.12 6.62
C ASP B 134 17.76 -10.53 7.92
N ILE B 135 17.15 -10.97 9.02
CA ILE B 135 17.63 -10.64 10.35
C ILE B 135 17.59 -11.91 11.20
N SER B 136 18.73 -12.21 11.87
CA SER B 136 18.80 -13.29 12.85
C SER B 136 19.01 -12.68 14.22
N LEU B 137 18.37 -13.27 15.23
CA LEU B 137 18.46 -12.82 16.61
C LEU B 137 19.00 -13.97 17.47
N PHE B 138 19.88 -13.64 18.45
CA PHE B 138 20.53 -14.65 19.28
C PHE B 138 20.37 -14.22 20.75
N PRO B 139 19.56 -14.92 21.55
CA PRO B 139 19.42 -14.61 22.97
C PRO B 139 20.64 -15.11 23.74
N GLU B 140 21.35 -14.18 24.40
CA GLU B 140 22.57 -14.51 25.14
C GLU B 140 22.22 -14.78 26.60
N GLU B 141 23.18 -15.39 27.31
CA GLU B 141 23.00 -15.83 28.69
C GLU B 141 22.64 -14.65 29.59
N ASP B 142 23.27 -13.48 29.37
CA ASP B 142 23.09 -12.33 30.26
C ASP B 142 21.71 -11.68 30.07
N GLY B 143 20.91 -12.15 29.10
CA GLY B 143 19.64 -11.51 28.81
C GLY B 143 19.76 -10.50 27.67
N LYS B 144 20.97 -10.38 27.12
CA LYS B 144 21.24 -9.62 25.91
C LYS B 144 20.73 -10.39 24.68
N ILE B 145 20.41 -9.64 23.63
CA ILE B 145 20.05 -10.21 22.35
C ILE B 145 20.95 -9.57 21.31
N THR B 146 21.66 -10.40 20.53
CA THR B 146 22.44 -9.84 19.46
C THR B 146 21.66 -10.04 18.17
N PHE B 147 21.89 -9.16 17.19
CA PHE B 147 21.22 -9.29 15.92
C PHE B 147 22.18 -8.95 14.79
N ASP B 148 22.05 -9.70 13.72
CA ASP B 148 22.70 -9.44 12.45
C ASP B 148 21.62 -9.23 11.40
N ILE B 149 21.81 -8.19 10.55
CA ILE B 149 20.97 -7.92 9.42
C ILE B 149 21.86 -8.06 8.21
N TYR B 150 21.44 -8.90 7.26
CA TYR B 150 22.29 -9.36 6.17
C TYR B 150 21.46 -9.77 4.96
N SER B 151 22.19 -9.98 3.86
CA SER B 151 21.63 -10.50 2.62
C SER B 151 22.62 -11.49 2.00
N THR B 152 22.11 -12.31 1.07
CA THR B 152 22.88 -13.39 0.45
C THR B 152 22.56 -13.47 -1.04
N GLN B 153 22.66 -12.34 -1.75
CA GLN B 153 22.68 -12.30 -3.21
C GLN B 153 21.29 -12.68 -3.76
N ASP B 158 28.88 -16.14 0.83
CA ASP B 158 28.56 -15.90 2.26
C ASP B 158 27.53 -14.77 2.37
N PRO B 159 26.85 -14.61 3.54
CA PRO B 159 26.06 -13.41 3.82
C PRO B 159 26.90 -12.13 3.91
N VAL B 160 26.40 -11.06 3.28
CA VAL B 160 26.89 -9.70 3.44
C VAL B 160 26.16 -9.05 4.62
N ILE B 161 26.91 -8.60 5.60
CA ILE B 161 26.36 -7.99 6.81
C ILE B 161 26.07 -6.52 6.49
N HIS B 162 24.85 -6.09 6.79
CA HIS B 162 24.44 -4.71 6.55
C HIS B 162 24.38 -3.95 7.85
N SER B 163 24.02 -4.63 8.94
CA SER B 163 23.98 -3.99 10.24
C SER B 163 24.11 -5.05 11.33
N GLN B 164 24.72 -4.67 12.46
CA GLN B 164 24.88 -5.55 13.61
C GLN B 164 24.71 -4.74 14.88
N GLY B 165 24.17 -5.37 15.90
CA GLY B 165 23.97 -4.70 17.16
C GLY B 165 23.51 -5.68 18.22
N SER B 166 23.03 -5.14 19.31
CA SER B 166 22.50 -5.93 20.40
C SER B 166 21.46 -5.08 21.08
N ALA B 167 20.75 -5.74 21.98
CA ALA B 167 19.62 -5.12 22.63
C ALA B 167 19.37 -5.87 23.93
N GLU B 168 18.54 -5.29 24.79
CA GLU B 168 18.16 -5.92 26.02
C GLU B 168 16.81 -5.37 26.43
N LEU B 169 16.09 -6.15 27.25
CA LEU B 169 14.90 -5.65 27.90
C LEU B 169 15.37 -4.87 29.12
N ALA B 170 14.89 -3.64 29.30
CA ALA B 170 15.38 -2.77 30.35
C ALA B 170 14.18 -2.23 31.14
N SER B 171 14.48 -1.71 32.34
CA SER B 171 13.47 -1.16 33.23
C SER B 171 12.72 0.00 32.57
N ALA B 172 11.41 0.08 32.84
CA ALA B 172 10.58 1.16 32.32
C ALA B 172 10.22 2.12 33.45
N ALA B 173 11.09 2.27 34.45
CA ALA B 173 10.79 3.09 35.61
C ALA B 173 10.69 4.56 35.20
N GLU B 174 11.75 5.13 34.62
CA GLU B 174 11.82 6.55 34.32
C GLU B 174 11.04 6.85 33.03
N THR B 175 10.26 7.92 33.08
CA THR B 175 9.59 8.50 31.93
C THR B 175 10.09 9.93 31.81
N PRO B 176 11.21 10.17 31.08
CA PRO B 176 11.83 11.49 31.06
C PRO B 176 10.94 12.48 30.32
N VAL B 177 10.98 13.74 30.77
CA VAL B 177 10.26 14.83 30.14
C VAL B 177 11.27 15.90 29.73
N ALA B 178 10.97 16.62 28.64
CA ALA B 178 11.83 17.69 28.17
C ALA B 178 11.10 19.02 28.19
N ASP B 179 11.84 20.08 28.53
CA ASP B 179 11.35 21.44 28.63
C ASP B 179 11.46 22.11 27.26
N LEU B 180 10.47 21.90 26.39
CA LEU B 180 10.58 22.37 25.03
C LEU B 180 10.76 23.89 24.94
N THR B 181 10.09 24.65 25.82
CA THR B 181 10.20 26.10 25.81
C THR B 181 11.62 26.51 26.22
N GLU B 182 12.17 25.87 27.23
CA GLU B 182 13.54 26.19 27.61
C GLU B 182 14.48 25.93 26.42
N MET B 183 14.36 24.73 25.83
CA MET B 183 15.17 24.34 24.69
C MET B 183 15.04 25.33 23.54
N SER B 184 13.81 25.74 23.24
CA SER B 184 13.51 26.69 22.18
C SER B 184 14.21 28.03 22.43
N ARG B 185 14.08 28.53 23.65
CA ARG B 185 14.65 29.83 23.99
C ARG B 185 16.17 29.76 23.83
N ARG B 186 16.77 28.66 24.28
CA ARG B 186 18.22 28.46 24.23
C ARG B 186 18.71 28.31 22.77
N CYS B 187 17.88 27.78 21.88
CA CYS B 187 18.26 27.65 20.47
C CYS B 187 17.72 28.83 19.68
N GLY B 188 18.15 30.03 20.05
CA GLY B 188 17.87 31.22 19.28
C GLY B 188 19.18 31.90 18.90
N LYS B 189 20.01 31.19 18.14
CA LYS B 189 21.11 31.82 17.42
C LYS B 189 20.67 32.01 15.96
N GLY B 190 19.54 31.38 15.61
CA GLY B 190 19.04 31.46 14.24
C GLY B 190 18.06 30.33 13.94
N LYS B 191 17.36 30.49 12.80
CA LYS B 191 16.53 29.44 12.24
C LYS B 191 17.21 28.90 10.99
N MET B 192 17.01 27.61 10.73
CA MET B 192 17.25 27.07 9.41
C MET B 192 15.91 26.55 8.89
N SER B 193 15.62 26.89 7.64
CA SER B 193 14.38 26.46 7.02
C SER B 193 14.55 25.04 6.54
N PRO B 194 13.48 24.22 6.57
CA PRO B 194 13.49 22.94 5.87
C PRO B 194 14.00 23.08 4.44
N ASP B 195 13.56 24.14 3.75
CA ASP B 195 13.86 24.37 2.34
C ASP B 195 15.38 24.33 2.10
N GLN B 196 16.14 24.93 3.02
CA GLN B 196 17.59 25.05 2.84
C GLN B 196 18.29 23.72 3.14
N PHE B 197 17.87 23.04 4.20
CA PHE B 197 18.43 21.74 4.53
C PHE B 197 18.29 20.79 3.34
N TYR B 198 17.05 20.64 2.83
CA TYR B 198 16.79 19.62 1.82
C TYR B 198 17.48 20.02 0.50
N GLU B 199 17.48 21.32 0.16
CA GLU B 199 18.12 21.83 -1.04
C GLU B 199 19.62 21.54 -1.00
N GLU B 200 20.27 21.89 0.11
CA GLU B 200 21.69 21.64 0.27
C GLU B 200 21.95 20.12 0.31
N GLY B 201 21.09 19.35 0.99
CA GLY B 201 21.19 17.90 0.93
C GLY B 201 21.21 17.39 -0.51
N ARG B 202 20.21 17.79 -1.30
CA ARG B 202 20.17 17.37 -2.70
C ARG B 202 21.46 17.71 -3.44
N SER B 203 22.04 18.89 -3.19
CA SER B 203 23.17 19.32 -4.02
C SER B 203 24.43 18.51 -3.72
N ARG B 204 24.48 17.87 -2.53
CA ARG B 204 25.55 16.95 -2.15
C ARG B 204 25.26 15.50 -2.57
N GLY B 205 24.10 15.21 -3.17
CA GLY B 205 23.76 13.86 -3.64
C GLY B 205 22.83 13.08 -2.70
N MET B 206 22.22 13.74 -1.72
CA MET B 206 21.31 13.08 -0.79
C MET B 206 19.89 13.60 -1.04
N PHE B 207 19.09 12.76 -1.70
CA PHE B 207 17.71 13.09 -2.02
C PHE B 207 16.76 12.49 -0.99
N HIS B 208 16.31 13.33 -0.05
CA HIS B 208 15.18 13.03 0.79
C HIS B 208 13.90 13.44 0.06
N GLY B 209 13.14 12.43 -0.38
CA GLY B 209 11.88 12.69 -1.07
C GLY B 209 10.79 13.11 -0.11
N PRO B 210 9.56 13.36 -0.61
CA PRO B 210 8.49 13.86 0.21
C PRO B 210 8.27 13.08 1.51
N ALA B 211 8.42 11.74 1.47
CA ALA B 211 8.08 10.97 2.66
C ALA B 211 9.12 11.15 3.78
N PHE B 212 10.33 11.59 3.46
CA PHE B 212 11.38 11.83 4.43
C PHE B 212 11.58 13.32 4.76
N GLN B 213 10.67 14.18 4.32
CA GLN B 213 10.80 15.60 4.65
C GLN B 213 9.97 15.89 5.87
N GLY B 214 10.41 15.37 7.01
CA GLY B 214 9.68 15.51 8.25
C GLY B 214 10.09 16.72 9.07
N ILE B 215 11.14 17.43 8.66
CA ILE B 215 11.53 18.64 9.37
C ILE B 215 10.59 19.79 8.95
N LYS B 216 9.91 20.38 9.94
CA LYS B 216 8.99 21.49 9.74
C LYS B 216 9.67 22.83 10.03
N ASN B 217 10.57 22.86 11.02
CA ASN B 217 11.46 23.99 11.19
C ASN B 217 12.61 23.57 12.10
N VAL B 218 13.67 24.40 12.10
CA VAL B 218 14.88 24.13 12.83
C VAL B 218 15.32 25.39 13.56
N ASN B 219 15.56 25.24 14.86
CA ASN B 219 16.15 26.25 15.72
C ASN B 219 17.59 25.84 16.06
N ILE B 220 18.56 26.69 15.72
CA ILE B 220 19.97 26.42 15.97
C ILE B 220 20.38 27.08 17.29
N GLY B 221 21.07 26.31 18.11
CA GLY B 221 21.75 26.79 19.30
C GLY B 221 23.25 26.58 19.17
N ASN B 222 23.96 26.67 20.30
CA ASN B 222 25.39 26.43 20.32
CA ASN B 222 25.38 26.43 20.34
C ASN B 222 25.58 24.95 20.70
N ARG B 223 26.03 24.17 19.72
CA ARG B 223 26.25 22.74 19.89
C ARG B 223 24.96 21.99 20.24
N GLU B 224 23.79 22.58 19.90
CA GLU B 224 22.50 21.94 20.06
C GLU B 224 21.55 22.46 18.99
N VAL B 225 20.55 21.66 18.63
CA VAL B 225 19.53 22.02 17.64
C VAL B 225 18.17 21.54 18.13
N LEU B 226 17.10 22.29 17.83
CA LEU B 226 15.75 21.85 18.13
C LEU B 226 14.89 21.95 16.88
N ALA B 227 14.45 20.80 16.36
CA ALA B 227 13.62 20.77 15.16
C ALA B 227 12.21 20.32 15.52
N GLN B 228 11.25 21.02 14.91
CA GLN B 228 9.88 20.55 14.89
C GLN B 228 9.71 19.54 13.76
N LEU B 229 9.08 18.41 14.09
CA LEU B 229 8.87 17.35 13.11
C LEU B 229 7.37 17.15 12.82
N GLN B 230 7.05 16.79 11.58
CA GLN B 230 5.68 16.46 11.22
C GLN B 230 5.70 15.29 10.25
N LEU B 231 4.94 14.23 10.56
CA LEU B 231 4.71 13.14 9.61
C LEU B 231 4.25 13.72 8.28
N PRO B 232 4.98 13.57 7.17
CA PRO B 232 4.54 14.13 5.90
C PRO B 232 3.18 13.57 5.46
N GLU B 233 2.40 14.44 4.79
CA GLU B 233 1.02 14.17 4.40
C GLU B 233 0.93 12.98 3.43
N ILE B 234 1.92 12.84 2.55
CA ILE B 234 2.00 11.73 1.61
C ILE B 234 1.95 10.37 2.34
N VAL B 235 2.38 10.25 3.59
CA VAL B 235 2.30 8.96 4.29
C VAL B 235 1.38 9.07 5.51
N SER B 236 0.35 9.88 5.36
CA SER B 236 -0.70 10.01 6.35
C SER B 236 -1.27 8.65 6.74
N GLY B 237 -1.50 8.44 8.03
CA GLY B 237 -2.10 7.20 8.51
C GLY B 237 -1.10 6.07 8.82
N THR B 238 0.18 6.23 8.47
CA THR B 238 1.14 5.14 8.64
C THR B 238 1.74 5.10 10.05
N ASN B 239 1.34 6.01 10.94
CA ASN B 239 1.92 6.09 12.27
C ASN B 239 1.54 4.85 13.08
N GLU B 240 0.39 4.23 12.80
CA GLU B 240 -0.05 3.06 13.53
C GLU B 240 0.68 1.80 13.05
N GLN B 241 1.49 1.88 11.98
CA GLN B 241 2.13 0.69 11.44
C GLN B 241 3.56 0.51 11.93
N PHE B 242 4.10 1.51 12.63
CA PHE B 242 5.49 1.48 13.06
C PHE B 242 5.55 2.00 14.49
N VAL B 243 6.55 1.53 15.24
CA VAL B 243 6.93 2.13 16.51
C VAL B 243 7.99 3.22 16.27
N LEU B 244 9.16 2.84 15.74
CA LEU B 244 10.12 3.80 15.19
C LEU B 244 9.80 4.07 13.72
N HIS B 245 9.02 5.13 13.48
CA HIS B 245 8.53 5.44 12.15
C HIS B 245 9.68 6.01 11.32
N PRO B 246 10.02 5.42 10.17
CA PRO B 246 11.17 5.89 9.38
C PRO B 246 11.18 7.37 9.01
N SER B 247 10.02 7.92 8.69
CA SER B 247 9.92 9.35 8.38
C SER B 247 10.38 10.18 9.58
N ILE B 248 9.77 9.92 10.73
CA ILE B 248 10.02 10.69 11.92
C ILE B 248 11.45 10.47 12.39
N MET B 249 11.87 9.20 12.43
CA MET B 249 13.17 8.85 12.97
C MET B 249 14.26 9.37 12.04
N ASP B 250 14.09 9.28 10.72
CA ASP B 250 15.13 9.79 9.86
C ASP B 250 15.19 11.31 10.00
N SER B 251 14.06 11.95 10.30
CA SER B 251 14.04 13.41 10.44
C SER B 251 14.73 13.81 11.73
N ALA B 252 14.72 12.93 12.76
CA ALA B 252 15.50 13.15 13.96
C ALA B 252 16.99 13.01 13.70
N LEU B 253 17.41 12.03 12.89
CA LEU B 253 18.80 11.86 12.54
C LEU B 253 19.29 13.02 11.64
N GLN B 254 18.37 13.54 10.81
CA GLN B 254 18.70 14.69 9.98
C GLN B 254 18.99 15.90 10.88
N THR B 255 18.19 16.03 11.95
CA THR B 255 18.36 17.08 12.94
C THR B 255 19.75 17.01 13.60
N ALA B 256 20.18 15.79 13.96
CA ALA B 256 21.51 15.54 14.49
C ALA B 256 22.58 15.89 13.46
N THR B 257 22.32 15.55 12.22
CA THR B 257 23.26 15.82 11.14
C THR B 257 23.46 17.34 10.96
N ILE B 258 22.39 18.13 11.10
CA ILE B 258 22.47 19.58 11.04
C ILE B 258 23.43 20.07 12.13
N CYS B 259 23.18 19.57 13.34
CA CYS B 259 23.93 19.89 14.52
C CYS B 259 25.41 19.57 14.32
N ILE B 260 25.69 18.41 13.73
CA ILE B 260 27.06 17.95 13.51
C ILE B 260 27.73 18.85 12.47
N MET B 261 27.04 19.18 11.39
CA MET B 261 27.65 19.85 10.26
C MET B 261 27.95 21.33 10.61
N GLN B 262 27.25 21.88 11.61
CA GLN B 262 27.52 23.24 12.09
C GLN B 262 28.99 23.37 12.51
N GLU B 263 29.63 22.28 12.94
CA GLU B 263 31.01 22.35 13.40
C GLU B 263 32.04 22.05 12.30
N LEU B 264 31.64 21.85 11.06
CA LEU B 264 32.56 21.43 10.01
C LEU B 264 32.80 22.57 9.02
N THR B 265 33.99 22.56 8.41
CA THR B 265 34.34 23.52 7.37
C THR B 265 33.82 23.01 6.03
N ASP B 266 33.97 21.71 5.79
CA ASP B 266 33.54 21.13 4.53
C ASP B 266 32.06 20.77 4.62
N GLN B 267 31.44 20.66 3.44
CA GLN B 267 30.06 20.23 3.33
C GLN B 267 30.03 18.96 2.49
N LYS B 268 30.56 17.88 3.06
CA LYS B 268 30.49 16.56 2.47
C LYS B 268 29.13 15.92 2.80
N LEU B 269 28.84 14.81 2.10
CA LEU B 269 27.62 14.04 2.35
C LEU B 269 27.92 13.08 3.49
N ILE B 270 27.24 13.26 4.63
CA ILE B 270 27.47 12.37 5.76
C ILE B 270 26.20 11.58 6.05
N LEU B 271 26.39 10.29 6.34
CA LEU B 271 25.29 9.35 6.52
C LEU B 271 25.38 8.75 7.91
N PRO B 272 24.24 8.29 8.45
CA PRO B 272 24.22 7.54 9.70
C PRO B 272 25.19 6.37 9.67
N PHE B 273 25.90 6.20 10.78
CA PHE B 273 26.94 5.19 10.86
C PHE B 273 26.76 4.28 12.09
N ALA B 274 26.58 4.87 13.27
CA ALA B 274 26.41 4.05 14.46
C ALA B 274 25.69 4.82 15.54
N LEU B 275 25.26 4.08 16.56
CA LEU B 275 24.79 4.68 17.79
C LEU B 275 25.15 3.76 18.93
N GLU B 276 25.15 4.34 20.14
CA GLU B 276 25.61 3.63 21.33
C GLU B 276 24.40 3.08 22.06
N GLU B 277 23.28 3.79 21.99
CA GLU B 277 22.09 3.37 22.71
C GLU B 277 20.86 3.98 22.05
N LEU B 278 19.75 3.22 22.07
CA LEU B 278 18.46 3.75 21.68
C LEU B 278 17.42 3.14 22.59
N GLU B 279 16.70 3.97 23.33
CA GLU B 279 15.73 3.49 24.29
C GLU B 279 14.34 3.90 23.81
N VAL B 280 13.44 2.92 23.66
CA VAL B 280 12.08 3.19 23.22
C VAL B 280 11.18 3.28 24.45
N ILE B 281 10.78 4.50 24.79
CA ILE B 281 9.88 4.78 25.89
C ILE B 281 8.44 4.76 25.37
N LYS B 282 8.20 5.29 24.17
CA LYS B 282 6.86 5.41 23.61
C LYS B 282 7.00 5.51 22.10
N GLY B 283 5.97 5.14 21.33
CA GLY B 283 6.08 5.10 19.88
C GLY B 283 6.03 6.50 19.27
N CYS B 284 6.35 6.61 17.97
CA CYS B 284 6.30 7.92 17.31
C CYS B 284 4.84 8.36 17.14
N SER B 285 4.57 9.66 17.28
CA SER B 285 3.30 10.25 16.87
C SER B 285 3.53 11.13 15.65
N SER B 286 2.50 11.81 15.17
CA SER B 286 2.63 12.46 13.87
C SER B 286 3.21 13.86 14.03
N SER B 287 3.07 14.47 15.22
CA SER B 287 3.72 15.74 15.52
C SER B 287 4.74 15.55 16.65
N MET B 288 6.01 15.91 16.40
CA MET B 288 7.04 15.71 17.41
C MET B 288 8.13 16.77 17.29
N TRP B 289 9.11 16.66 18.20
CA TRP B 289 10.33 17.46 18.17
C TRP B 289 11.52 16.53 18.24
N ALA B 290 12.62 16.96 17.60
CA ALA B 290 13.91 16.35 17.84
C ALA B 290 14.85 17.36 18.49
N TYR B 291 15.37 17.00 19.65
CA TYR B 291 16.43 17.79 20.29
C TYR B 291 17.74 17.01 20.16
N ALA B 292 18.71 17.60 19.43
CA ALA B 292 20.05 17.06 19.29
C ALA B 292 21.07 17.96 20.01
N ARG B 293 22.02 17.33 20.71
CA ARG B 293 23.17 18.05 21.24
C ARG B 293 24.43 17.21 21.06
N LEU B 294 25.53 17.88 20.71
CA LEU B 294 26.80 17.20 20.56
C LEU B 294 27.20 16.61 21.93
N SER B 295 27.68 15.36 21.95
CA SER B 295 27.87 14.61 23.20
C SER B 295 28.99 15.26 24.04
N VAL B 304 35.33 10.87 16.09
CA VAL B 304 33.87 10.90 15.74
C VAL B 304 33.22 12.03 16.55
N GLN B 305 32.53 12.95 15.86
CA GLN B 305 31.65 13.89 16.53
C GLN B 305 30.26 13.26 16.69
N LYS B 306 29.95 12.91 17.94
CA LYS B 306 28.75 12.20 18.31
C LYS B 306 27.68 13.20 18.74
N ALA B 307 26.42 12.81 18.52
CA ALA B 307 25.30 13.56 19.06
C ALA B 307 24.39 12.65 19.86
N ASP B 308 23.77 13.22 20.89
CA ASP B 308 22.63 12.61 21.52
C ASP B 308 21.36 13.26 20.98
N ILE B 309 20.28 12.47 20.92
CA ILE B 309 19.05 12.92 20.29
C ILE B 309 17.90 12.42 21.14
N ASP B 310 17.00 13.34 21.51
CA ASP B 310 15.74 12.97 22.12
C ASP B 310 14.62 13.30 21.14
N VAL B 311 13.76 12.33 20.88
CA VAL B 311 12.55 12.52 20.10
C VAL B 311 11.40 12.64 21.09
N ILE B 312 10.70 13.78 21.02
CA ILE B 312 9.81 14.33 22.05
C ILE B 312 8.43 14.59 21.46
N ASP B 313 7.37 14.17 22.15
CA ASP B 313 6.03 14.41 21.64
C ASP B 313 5.62 15.84 22.00
N GLU B 314 4.39 16.24 21.61
CA GLU B 314 3.95 17.63 21.70
C GLU B 314 3.75 18.05 23.15
N SER B 315 3.69 17.07 24.07
CA SER B 315 3.48 17.33 25.48
C SER B 315 4.75 17.14 26.30
N GLY B 316 5.91 17.07 25.62
CA GLY B 316 7.19 17.09 26.32
C GLY B 316 7.70 15.70 26.73
N THR B 317 6.93 14.63 26.49
CA THR B 317 7.41 13.30 26.81
C THR B 317 8.48 12.91 25.80
N VAL B 318 9.64 12.49 26.33
CA VAL B 318 10.71 11.86 25.57
C VAL B 318 10.27 10.46 25.21
N CYS B 319 10.06 10.24 23.91
CA CYS B 319 9.54 8.99 23.40
C CYS B 319 10.68 8.07 22.97
N VAL B 320 11.73 8.64 22.36
CA VAL B 320 12.87 7.86 21.96
C VAL B 320 14.11 8.62 22.36
N ARG B 321 15.05 7.91 23.00
CA ARG B 321 16.30 8.50 23.49
C ARG B 321 17.48 7.77 22.85
N ILE B 322 18.24 8.55 22.08
CA ILE B 322 19.41 8.04 21.40
C ILE B 322 20.64 8.67 22.03
N LYS B 323 21.66 7.84 22.28
CA LYS B 323 22.94 8.30 22.77
C LYS B 323 24.06 7.86 21.83
N GLY B 324 25.01 8.75 21.56
CA GLY B 324 26.22 8.38 20.86
C GLY B 324 25.98 8.11 19.37
N PHE B 325 25.11 8.90 18.75
CA PHE B 325 24.88 8.79 17.31
C PHE B 325 26.09 9.35 16.55
N SER B 326 26.61 8.58 15.59
CA SER B 326 27.69 9.09 14.77
C SER B 326 27.41 8.86 13.30
N THR B 327 28.09 9.67 12.47
CA THR B 327 28.00 9.64 11.03
C THR B 327 29.30 9.23 10.36
N ARG B 328 29.26 9.01 9.05
CA ARG B 328 30.45 8.81 8.26
C ARG B 328 30.32 9.56 6.95
N VAL B 329 31.48 9.99 6.40
CA VAL B 329 31.51 10.65 5.11
C VAL B 329 31.38 9.61 4.01
N LEU B 330 30.55 9.89 3.02
CA LEU B 330 30.47 9.08 1.82
C LEU B 330 31.27 9.77 0.74
N GLU B 331 32.40 9.17 0.35
CA GLU B 331 33.12 9.52 -0.87
C GLU B 331 32.71 8.54 -1.98
C1 GOL C . -25.72 -18.89 -32.01
O1 GOL C . -26.46 -19.60 -33.01
C2 GOL C . -26.53 -18.74 -30.73
O2 GOL C . -26.59 -19.93 -29.97
C3 GOL C . -25.96 -17.67 -29.85
O3 GOL C . -26.55 -16.42 -30.15
C1 GOL D . -23.16 -24.24 -19.39
O1 GOL D . -23.78 -23.83 -20.61
C2 GOL D . -23.01 -23.08 -18.44
O2 GOL D . -24.22 -22.35 -18.34
C3 GOL D . -22.59 -23.50 -17.04
O3 GOL D . -22.27 -24.88 -17.01
NA NA E . -10.89 -8.43 -5.48
NA NA F . -9.43 -4.56 0.36
C1 GOL G . -10.21 -6.76 -2.33
O1 GOL G . -10.54 -6.25 -1.02
C2 GOL G . -10.13 -5.64 -3.36
O2 GOL G . -9.24 -5.98 -4.42
C3 GOL G . -11.47 -5.28 -3.94
O3 GOL G . -11.90 -6.29 -4.84
C1 GOL H . -14.34 -12.51 -6.19
O1 GOL H . -14.29 -12.48 -4.78
C2 GOL H . -12.97 -12.81 -6.74
O2 GOL H . -12.68 -14.18 -6.38
C3 GOL H . -11.93 -11.83 -6.24
O3 GOL H . -12.36 -10.44 -6.32
C1 GOL I . 4.80 0.19 -1.12
O1 GOL I . 4.22 0.31 0.19
C2 GOL I . 3.75 0.16 -2.21
O2 GOL I . 3.85 -1.08 -2.92
C3 GOL I . 2.33 0.34 -1.68
O3 GOL I . 1.94 1.71 -1.64
CL CL J . -4.62 -18.30 -0.83
#